data_2X5O
#
_entry.id   2X5O
#
_cell.length_a   66.091
_cell.length_b   66.091
_cell.length_c   135.781
_cell.angle_alpha   90.00
_cell.angle_beta   90.00
_cell.angle_gamma   90.00
#
_symmetry.space_group_name_H-M   'P 41'
#
loop_
_entity.id
_entity.type
_entity.pdbx_description
1 polymer 'UDP-N-ACETYLMURAMOYLALANINE--D-GLUTAMATE LIGASE'
2 non-polymer 'N-({3-[({4-[(Z)-(2,4-DIOXO-1,3-THIAZOLIDIN-5-YLIDENE)METHYL]PHENYL}AMINO)METHYL]PHENYL}CARBONYL)-D-GLUTAMIC ACID'
3 non-polymer 'AZIDE ION'
4 non-polymer 'SULFATE ION'
5 non-polymer 'SULFITE ION'
6 non-polymer 'CHLORIDE ION'
7 water water
#
_entity_poly.entity_id   1
_entity_poly.type   'polypeptide(L)'
_entity_poly.pdbx_seq_one_letter_code
;ADYQGKNVVIIGLGLTGLSCVDFFLARGVTPRVMDTRMTPPGLDKLPEAVERHTGSLNDEWLMAADLIVASPGIALAHPS
LSAAADAGIEIVGDIELFCREAQAPIVAITGSNGKSTVTTLVGEMAKAAGVNVGVGGNIGLPALMLLDDECELYVLELSS
FQLETTSSLQAVAATILNVTEDHMDRYPFGLQQYRAA(KCX)LRIYENAKVCVVNADDALTMPIRGADERCVSFGVNMGD
YHLNHQQGETWLRVKGEKVLNVKEMKLSGQHNYTNALAALALADAAGLPRASSLKALTTFTGLPHRFEVVLEHNGVRWIN
DSKATNVGSTEAALNGLHVDGTLHLLLGGDGKSADFSPLARYLNGDNVRLYCFGRDGAQLAALRPEVAEQTETMEQAMRL
LAPRVQPGDMVLLSPACASLDQFKNFEQRGNEFARLAKELGSH
;
_entity_poly.pdbx_strand_id   A
#
loop_
_chem_comp.id
_chem_comp.type
_chem_comp.name
_chem_comp.formula
AZI non-polymer 'AZIDE ION' 'N3 -1'
CL non-polymer 'CHLORIDE ION' 'Cl -1'
SO3 non-polymer 'SULFITE ION' 'O3 S -2'
SO4 non-polymer 'SULFATE ION' 'O4 S -2'
VSV non-polymer 'N-({3-[({4-[(Z)-(2,4-DIOXO-1,3-THIAZOLIDIN-5-YLIDENE)METHYL]PHENYL}AMINO)METHYL]PHENYL}CARBONYL)-D-GLUTAMIC ACID' 'C23 H21 N3 O7 S'
#
# COMPACT_ATOMS: atom_id res chain seq x y z
N ALA A 1 26.77 -8.80 4.25
CA ALA A 1 26.70 -9.58 5.55
C ALA A 1 27.11 -11.02 5.25
N ASP A 2 27.60 -11.73 6.26
CA ASP A 2 27.95 -13.16 6.10
C ASP A 2 27.15 -14.04 7.05
N TYR A 3 26.33 -14.93 6.49
CA TYR A 3 25.41 -15.73 7.29
C TYR A 3 25.94 -17.13 7.52
N GLN A 4 27.08 -17.45 6.92
CA GLN A 4 27.60 -18.82 6.96
C GLN A 4 27.69 -19.32 8.41
N GLY A 5 27.17 -20.52 8.63
CA GLY A 5 27.26 -21.12 9.94
C GLY A 5 26.16 -20.70 10.92
N LYS A 6 25.36 -19.72 10.54
CA LYS A 6 24.34 -19.19 11.47
C LYS A 6 23.10 -20.08 11.48
N ASN A 7 22.46 -20.12 12.65
CA ASN A 7 21.15 -20.71 12.79
CA ASN A 7 21.14 -20.72 12.87
C ASN A 7 20.06 -19.67 12.57
N VAL A 8 19.40 -19.82 11.44
CA VAL A 8 18.46 -18.80 10.92
C VAL A 8 17.04 -19.36 11.01
N VAL A 9 16.13 -18.56 11.56
CA VAL A 9 14.71 -18.97 11.59
C VAL A 9 13.94 -17.91 10.83
N ILE A 10 13.11 -18.36 9.88
CA ILE A 10 12.22 -17.51 9.09
C ILE A 10 10.79 -17.71 9.58
N ILE A 11 10.15 -16.62 10.02
CA ILE A 11 8.76 -16.70 10.48
C ILE A 11 7.87 -16.13 9.38
N GLY A 12 7.00 -17.00 8.84
CA GLY A 12 6.06 -16.55 7.78
C GLY A 12 6.51 -17.08 6.44
N LEU A 13 5.62 -17.83 5.81
CA LEU A 13 5.96 -18.41 4.50
C LEU A 13 5.42 -17.50 3.40
N GLY A 14 4.57 -18.00 2.50
CA GLY A 14 4.15 -17.21 1.31
C GLY A 14 5.34 -16.81 0.44
N LEU A 15 5.08 -15.98 -0.58
CA LEU A 15 6.10 -15.73 -1.60
CA LEU A 15 6.09 -15.70 -1.60
C LEU A 15 7.31 -15.04 -0.98
N THR A 16 7.05 -14.14 -0.05
CA THR A 16 8.15 -13.41 0.55
C THR A 16 8.92 -14.29 1.52
N GLY A 17 8.25 -15.15 2.28
CA GLY A 17 8.97 -16.13 3.10
C GLY A 17 9.77 -17.09 2.26
N LEU A 18 9.22 -17.49 1.12
CA LEU A 18 9.96 -18.34 0.18
C LEU A 18 11.19 -17.62 -0.38
N SER A 19 11.04 -16.31 -0.59
CA SER A 19 12.19 -15.57 -1.11
C SER A 19 13.31 -15.57 -0.08
N CYS A 20 12.95 -15.49 1.20
CA CYS A 20 13.95 -15.56 2.26
C CYS A 20 14.62 -16.94 2.33
N VAL A 21 13.81 -17.99 2.23
CA VAL A 21 14.37 -19.35 2.22
C VAL A 21 15.40 -19.49 1.11
N ASP A 22 15.01 -19.03 -0.08
CA ASP A 22 15.86 -19.18 -1.24
C ASP A 22 17.16 -18.34 -1.11
N PHE A 23 17.03 -17.16 -0.49
CA PHE A 23 18.16 -16.28 -0.30
C PHE A 23 19.21 -16.97 0.55
N PHE A 24 18.80 -17.61 1.63
CA PHE A 24 19.75 -18.30 2.49
C PHE A 24 20.30 -19.58 1.86
N LEU A 25 19.45 -20.38 1.23
CA LEU A 25 19.94 -21.60 0.57
C LEU A 25 21.00 -21.28 -0.48
N ALA A 26 20.81 -20.18 -1.21
CA ALA A 26 21.76 -19.86 -2.28
C ALA A 26 23.12 -19.45 -1.70
N ARG A 27 23.12 -19.09 -0.41
CA ARG A 27 24.34 -18.67 0.29
C ARG A 27 24.87 -19.80 1.16
N GLY A 28 24.32 -21.00 0.95
CA GLY A 28 24.83 -22.19 1.65
C GLY A 28 24.41 -22.24 3.11
N VAL A 29 23.24 -21.66 3.40
CA VAL A 29 22.72 -21.64 4.76
C VAL A 29 21.35 -22.24 4.68
N THR A 30 21.13 -23.32 5.44
CA THR A 30 19.79 -23.92 5.48
C THR A 30 18.99 -23.37 6.66
N PRO A 31 17.98 -22.51 6.40
CA PRO A 31 17.21 -21.92 7.50
C PRO A 31 16.12 -22.88 7.94
N ARG A 32 15.47 -22.60 9.06
CA ARG A 32 14.25 -23.32 9.45
C ARG A 32 13.10 -22.31 9.32
N VAL A 33 11.91 -22.82 9.02
CA VAL A 33 10.72 -21.98 8.79
C VAL A 33 9.66 -22.32 9.83
N MET A 34 9.03 -21.30 10.39
CA MET A 34 7.82 -21.50 11.16
C MET A 34 6.74 -20.49 10.72
N ASP A 35 5.49 -20.87 10.95
CA ASP A 35 4.37 -20.02 10.58
C ASP A 35 3.24 -20.37 11.52
N THR A 36 2.56 -19.40 12.09
CA THR A 36 1.49 -19.70 13.02
C THR A 36 0.27 -20.32 12.34
N ARG A 37 0.18 -20.17 11.02
CA ARG A 37 -0.95 -20.81 10.28
C ARG A 37 -0.69 -22.33 10.06
N MET A 38 -1.73 -23.17 10.07
CA MET A 38 -1.48 -24.61 9.94
CA MET A 38 -1.52 -24.62 9.92
C MET A 38 -1.01 -25.02 8.54
N THR A 39 -1.63 -24.44 7.51
CA THR A 39 -1.18 -24.69 6.14
C THR A 39 -0.95 -23.35 5.43
N PRO A 40 0.19 -22.74 5.72
CA PRO A 40 0.48 -21.41 5.19
C PRO A 40 0.65 -21.45 3.70
N PRO A 41 0.38 -20.32 3.03
CA PRO A 41 0.57 -20.23 1.59
C PRO A 41 1.99 -20.59 1.21
N GLY A 42 2.14 -21.40 0.16
CA GLY A 42 3.47 -21.73 -0.34
C GLY A 42 4.11 -22.93 0.33
N LEU A 43 3.39 -23.56 1.26
CA LEU A 43 3.97 -24.72 1.96
C LEU A 43 4.41 -25.83 0.98
N ASP A 44 3.59 -26.10 -0.03
CA ASP A 44 3.93 -27.16 -0.97
C ASP A 44 5.14 -26.80 -1.81
N LYS A 45 5.57 -25.54 -1.78
CA LYS A 45 6.74 -25.11 -2.55
C LYS A 45 8.02 -25.13 -1.71
N LEU A 46 7.87 -25.31 -0.40
CA LEU A 46 9.04 -25.39 0.47
C LEU A 46 9.77 -26.73 0.33
N PRO A 47 11.03 -26.72 -0.13
CA PRO A 47 11.69 -28.04 -0.25
C PRO A 47 11.68 -28.89 1.03
N GLU A 48 11.53 -30.22 0.88
CA GLU A 48 11.55 -31.14 2.02
C GLU A 48 12.84 -31.02 2.86
N ALA A 49 13.92 -30.58 2.22
CA ALA A 49 15.15 -30.31 2.97
C ALA A 49 15.06 -29.23 4.05
N VAL A 50 14.11 -28.32 3.93
CA VAL A 50 13.97 -27.22 4.88
C VAL A 50 12.99 -27.62 5.96
N GLU A 51 13.49 -27.70 7.19
CA GLU A 51 12.62 -28.05 8.34
C GLU A 51 11.58 -26.96 8.56
N ARG A 52 10.39 -27.37 8.92
CA ARG A 52 9.33 -26.39 9.20
C ARG A 52 8.41 -26.82 10.35
N HIS A 53 7.81 -25.81 10.95
CA HIS A 53 6.92 -25.98 12.11
C HIS A 53 5.75 -25.05 11.84
N THR A 54 4.55 -25.59 11.79
CA THR A 54 3.39 -24.78 11.43
C THR A 54 2.33 -24.87 12.50
N GLY A 55 1.41 -23.91 12.50
CA GLY A 55 0.28 -23.89 13.42
C GLY A 55 0.54 -23.13 14.74
N SER A 56 1.79 -22.71 14.97
CA SER A 56 2.21 -21.98 16.19
C SER A 56 3.65 -21.57 16.00
N LEU A 57 4.14 -20.66 16.84
CA LEU A 57 5.60 -20.39 16.86
C LEU A 57 6.23 -21.42 17.79
N ASN A 58 7.45 -21.82 17.43
CA ASN A 58 8.23 -22.80 18.21
C ASN A 58 9.35 -22.05 18.98
N ASP A 59 9.15 -21.90 20.29
CA ASP A 59 10.10 -21.14 21.12
C ASP A 59 11.42 -21.85 21.30
N GLU A 60 11.46 -23.16 21.13
CA GLU A 60 12.75 -23.91 21.16
C GLU A 60 13.61 -23.48 19.98
N TRP A 61 12.99 -23.33 18.82
CA TRP A 61 13.72 -22.89 17.62
C TRP A 61 14.06 -21.43 17.70
N LEU A 62 13.14 -20.61 18.23
CA LEU A 62 13.42 -19.16 18.20
C LEU A 62 14.54 -18.84 19.20
N MET A 63 14.50 -19.46 20.39
CA MET A 63 15.49 -19.13 21.41
C MET A 63 16.87 -19.71 21.09
N ALA A 64 16.89 -20.68 20.18
CA ALA A 64 18.15 -21.26 19.68
C ALA A 64 18.78 -20.49 18.53
N ALA A 65 18.03 -19.55 17.94
CA ALA A 65 18.46 -18.90 16.69
C ALA A 65 19.58 -17.91 16.91
N ASP A 66 20.43 -17.77 15.89
CA ASP A 66 21.31 -16.60 15.75
C ASP A 66 20.65 -15.42 15.05
N LEU A 67 19.69 -15.68 14.18
CA LEU A 67 19.04 -14.63 13.42
C LEU A 67 17.60 -15.06 13.18
N ILE A 68 16.67 -14.15 13.41
CA ILE A 68 15.25 -14.42 13.13
C ILE A 68 14.83 -13.43 12.06
N VAL A 69 14.20 -13.95 11.02
CA VAL A 69 13.71 -13.13 9.91
C VAL A 69 12.18 -13.16 10.01
N ALA A 70 11.63 -12.02 10.41
CA ALA A 70 10.18 -11.93 10.69
C ALA A 70 9.45 -11.34 9.52
N SER A 71 8.44 -12.08 9.01
CA SER A 71 7.51 -11.51 8.06
C SER A 71 6.88 -10.23 8.61
N PRO A 72 6.58 -9.27 7.74
CA PRO A 72 5.79 -8.15 8.22
C PRO A 72 4.40 -8.55 8.68
N GLY A 73 3.98 -9.76 8.36
CA GLY A 73 2.62 -10.14 8.75
C GLY A 73 2.52 -10.68 10.19
N ILE A 74 3.64 -10.80 10.85
CA ILE A 74 3.65 -11.23 12.28
C ILE A 74 4.04 -10.07 13.18
N ALA A 75 3.31 -9.88 14.27
CA ALA A 75 3.59 -8.78 15.17
C ALA A 75 4.97 -8.92 15.84
N LEU A 76 5.76 -7.87 15.73
CA LEU A 76 7.08 -7.85 16.35
C LEU A 76 6.97 -7.92 17.85
N ALA A 77 5.82 -7.49 18.37
CA ALA A 77 5.60 -7.50 19.81
C ALA A 77 5.00 -8.84 20.29
N HIS A 78 4.94 -9.84 19.40
CA HIS A 78 4.43 -11.17 19.76
C HIS A 78 5.30 -11.74 20.92
N PRO A 79 4.66 -12.29 21.97
CA PRO A 79 5.49 -12.59 23.16
C PRO A 79 6.69 -13.49 22.85
N SER A 80 6.56 -14.41 21.91
CA SER A 80 7.73 -15.24 21.50
C SER A 80 8.86 -14.41 20.91
N LEU A 81 8.53 -13.37 20.13
CA LEU A 81 9.54 -12.49 19.57
C LEU A 81 10.14 -11.48 20.54
N SER A 82 9.36 -10.98 21.51
CA SER A 82 9.91 -10.09 22.52
CA SER A 82 9.93 -10.09 22.51
C SER A 82 10.87 -10.87 23.41
N ALA A 83 10.51 -12.13 23.72
CA ALA A 83 11.43 -12.98 24.47
C ALA A 83 12.78 -13.17 23.75
N ALA A 84 12.74 -13.38 22.43
CA ALA A 84 13.98 -13.57 21.65
C ALA A 84 14.76 -12.24 21.60
N ALA A 85 14.04 -11.13 21.45
CA ALA A 85 14.67 -9.80 21.49
C ALA A 85 15.33 -9.49 22.82
N ASP A 86 14.64 -9.80 23.91
CA ASP A 86 15.18 -9.57 25.24
C ASP A 86 16.49 -10.35 25.47
N ALA A 87 16.57 -11.52 24.83
CA ALA A 87 17.72 -12.40 24.96
C ALA A 87 18.83 -11.99 24.01
N GLY A 88 18.60 -10.92 23.25
CA GLY A 88 19.68 -10.38 22.43
C GLY A 88 19.73 -11.01 21.04
N ILE A 89 18.72 -11.78 20.66
CA ILE A 89 18.73 -12.43 19.36
C ILE A 89 18.29 -11.48 18.26
N GLU A 90 19.13 -11.34 17.23
CA GLU A 90 18.89 -10.35 16.15
C GLU A 90 17.63 -10.68 15.39
N ILE A 91 16.76 -9.67 15.18
CA ILE A 91 15.52 -9.82 14.41
C ILE A 91 15.55 -8.83 13.25
N VAL A 92 15.41 -9.36 12.04
CA VAL A 92 15.38 -8.53 10.82
C VAL A 92 14.18 -8.94 9.97
N GLY A 93 13.92 -8.23 8.89
CA GLY A 93 12.99 -8.74 7.86
C GLY A 93 13.63 -8.80 6.50
N ASP A 94 12.84 -9.17 5.49
CA ASP A 94 13.35 -9.28 4.13
C ASP A 94 13.94 -8.01 3.54
N ILE A 95 13.34 -6.86 3.85
CA ILE A 95 13.88 -5.60 3.39
C ILE A 95 15.27 -5.33 3.94
N GLU A 96 15.49 -5.67 5.23
CA GLU A 96 16.82 -5.53 5.80
C GLU A 96 17.83 -6.41 5.07
N LEU A 97 17.47 -7.68 4.84
CA LEU A 97 18.36 -8.56 4.10
C LEU A 97 18.70 -7.98 2.73
N PHE A 98 17.69 -7.41 2.08
CA PHE A 98 17.88 -6.80 0.75
C PHE A 98 18.81 -5.59 0.79
N CYS A 99 18.60 -4.74 1.79
CA CYS A 99 19.36 -3.49 1.84
C CYS A 99 20.83 -3.80 2.03
N ARG A 100 21.13 -4.85 2.80
CA ARG A 100 22.53 -5.23 3.08
C ARG A 100 23.28 -5.69 1.84
N GLU A 101 22.55 -6.14 0.83
CA GLU A 101 23.17 -6.70 -0.38
C GLU A 101 23.08 -5.76 -1.61
N ALA A 102 22.06 -4.92 -1.65
CA ALA A 102 21.76 -4.15 -2.87
C ALA A 102 22.97 -3.37 -3.34
N GLN A 103 23.18 -3.35 -4.66
CA GLN A 103 24.32 -2.69 -5.32
C GLN A 103 23.86 -1.56 -6.28
N ALA A 104 22.65 -1.08 -6.06
CA ALA A 104 22.16 0.11 -6.74
C ALA A 104 21.39 0.96 -5.75
N PRO A 105 21.22 2.25 -6.07
CA PRO A 105 20.44 3.13 -5.18
C PRO A 105 19.00 2.67 -5.05
N ILE A 106 18.43 2.99 -3.90
CA ILE A 106 17.05 2.64 -3.57
C ILE A 106 16.21 3.88 -3.35
N VAL A 107 15.09 3.97 -4.08
CA VAL A 107 14.04 4.96 -3.80
C VAL A 107 13.02 4.20 -2.95
N ALA A 108 12.65 4.77 -1.81
CA ALA A 108 11.82 4.08 -0.80
C ALA A 108 10.56 4.88 -0.52
N ILE A 109 9.41 4.24 -0.64
CA ILE A 109 8.13 4.98 -0.57
C ILE A 109 7.22 4.28 0.43
N THR A 110 6.70 5.07 1.38
CA THR A 110 5.64 4.58 2.27
C THR A 110 4.53 5.61 2.40
N GLY A 111 3.49 5.29 3.16
CA GLY A 111 2.35 6.18 3.32
C GLY A 111 1.09 5.37 3.51
N SER A 112 0.06 6.02 4.06
CA SER A 112 -1.24 5.33 4.26
C SER A 112 -1.98 5.10 2.96
N ASN A 113 -1.76 5.98 1.98
CA ASN A 113 -2.32 5.82 0.66
CA ASN A 113 -2.40 5.93 0.65
C ASN A 113 -1.39 6.42 -0.38
N GLY A 114 -1.54 5.95 -1.62
CA GLY A 114 -0.70 6.50 -2.69
C GLY A 114 0.56 5.69 -2.94
N LYS A 115 0.92 4.77 -2.06
CA LYS A 115 2.29 4.28 -2.08
C LYS A 115 2.51 3.38 -3.29
N SER A 116 1.50 2.61 -3.71
CA SER A 116 1.68 1.74 -4.90
C SER A 116 1.65 2.55 -6.20
N THR A 117 0.81 3.56 -6.27
CA THR A 117 0.78 4.45 -7.44
C THR A 117 2.12 5.14 -7.58
N VAL A 118 2.62 5.74 -6.50
CA VAL A 118 3.89 6.46 -6.57
C VAL A 118 5.09 5.55 -6.84
N THR A 119 5.09 4.34 -6.28
CA THR A 119 6.17 3.37 -6.56
C THR A 119 6.14 3.01 -8.04
N THR A 120 4.95 2.73 -8.57
CA THR A 120 4.83 2.28 -9.97
C THR A 120 5.20 3.40 -10.88
N LEU A 121 4.76 4.62 -10.57
CA LEU A 121 5.09 5.82 -11.35
C LEU A 121 6.60 6.09 -11.42
N VAL A 122 7.32 6.07 -10.30
CA VAL A 122 8.77 6.27 -10.33
C VAL A 122 9.43 5.11 -11.15
N GLY A 123 8.92 3.89 -11.02
CA GLY A 123 9.41 2.75 -11.86
C GLY A 123 9.27 3.04 -13.34
N GLU A 124 8.09 3.55 -13.73
CA GLU A 124 7.89 4.01 -15.13
C GLU A 124 8.77 5.20 -15.59
N MET A 125 9.01 6.14 -14.70
CA MET A 125 9.92 7.22 -15.00
C MET A 125 11.34 6.68 -15.28
N ALA A 126 11.81 5.78 -14.42
CA ALA A 126 13.08 5.09 -14.66
C ALA A 126 13.14 4.35 -16.00
N LYS A 127 12.13 3.53 -16.32
CA LYS A 127 12.09 2.86 -17.62
C LYS A 127 12.16 3.82 -18.79
N ALA A 128 11.46 4.96 -18.65
CA ALA A 128 11.42 5.93 -19.75
C ALA A 128 12.81 6.50 -20.03
N ALA A 129 13.65 6.51 -18.99
CA ALA A 129 15.06 6.94 -19.07
C ALA A 129 16.02 5.85 -19.55
N GLY A 130 15.52 4.64 -19.79
CA GLY A 130 16.36 3.54 -20.22
C GLY A 130 17.16 2.94 -19.08
N VAL A 131 16.73 3.21 -17.85
CA VAL A 131 17.37 2.67 -16.65
C VAL A 131 16.87 1.24 -16.32
N ASN A 132 17.80 0.35 -16.01
CA ASN A 132 17.42 -1.00 -15.59
C ASN A 132 16.93 -0.95 -14.16
N VAL A 133 15.62 -1.05 -13.98
CA VAL A 133 15.00 -0.77 -12.68
C VAL A 133 14.23 -1.96 -12.11
N GLY A 134 14.40 -2.17 -10.81
CA GLY A 134 13.70 -3.23 -10.08
C GLY A 134 12.66 -2.57 -9.21
N VAL A 135 11.39 -2.90 -9.45
CA VAL A 135 10.32 -2.28 -8.74
C VAL A 135 9.57 -3.33 -7.95
N GLY A 136 9.37 -3.08 -6.68
CA GLY A 136 8.64 -4.09 -5.89
C GLY A 136 8.66 -3.77 -4.44
N GLY A 137 8.86 -4.79 -3.63
CA GLY A 137 8.88 -4.67 -2.19
C GLY A 137 7.60 -5.28 -1.79
N ASN A 138 6.80 -4.39 -1.25
CA ASN A 138 5.50 -4.67 -0.73
C ASN A 138 4.45 -4.90 -1.80
N ILE A 139 4.73 -4.45 -3.02
CA ILE A 139 4.03 -4.94 -4.23
C ILE A 139 4.93 -5.64 -5.22
N GLY A 140 4.31 -6.33 -6.19
CA GLY A 140 5.13 -7.03 -7.19
C GLY A 140 6.05 -8.06 -6.54
N LEU A 141 7.29 -8.15 -7.03
CA LEU A 141 8.21 -9.16 -6.45
C LEU A 141 8.65 -8.68 -5.09
N PRO A 142 8.51 -9.56 -4.11
CA PRO A 142 9.30 -9.40 -2.91
C PRO A 142 10.66 -8.87 -3.30
N ALA A 143 11.17 -7.98 -2.47
CA ALA A 143 12.42 -7.31 -2.80
C ALA A 143 13.58 -8.25 -3.08
N LEU A 144 13.71 -9.34 -2.32
CA LEU A 144 14.85 -10.24 -2.56
C LEU A 144 14.82 -10.86 -3.96
N MET A 145 13.63 -10.94 -4.57
CA MET A 145 13.51 -11.47 -5.92
CA MET A 145 13.50 -11.47 -5.92
C MET A 145 13.90 -10.45 -6.98
N LEU A 146 14.09 -9.19 -6.57
CA LEU A 146 14.58 -8.12 -7.47
C LEU A 146 16.11 -8.05 -7.55
N LEU A 147 16.79 -8.58 -6.54
CA LEU A 147 18.25 -8.45 -6.46
CA LEU A 147 18.24 -8.43 -6.43
C LEU A 147 18.94 -8.96 -7.69
N ASP A 148 19.68 -8.08 -8.39
CA ASP A 148 20.26 -8.42 -9.71
C ASP A 148 21.41 -7.43 -9.94
N ASP A 149 22.62 -7.96 -10.17
CA ASP A 149 23.82 -7.13 -10.45
C ASP A 149 23.63 -6.10 -11.53
N GLU A 150 22.70 -6.39 -12.44
CA GLU A 150 22.52 -5.52 -13.57
C GLU A 150 21.54 -4.39 -13.26
N CYS A 151 20.82 -4.51 -12.14
CA CYS A 151 19.89 -3.45 -11.78
CA CYS A 151 19.88 -3.45 -11.75
C CYS A 151 20.62 -2.15 -11.46
N GLU A 152 20.11 -1.04 -12.00
CA GLU A 152 20.69 0.26 -11.83
C GLU A 152 19.97 1.14 -10.80
N LEU A 153 18.74 0.78 -10.42
CA LEU A 153 17.94 1.55 -9.50
C LEU A 153 16.86 0.60 -8.96
N TYR A 154 16.63 0.65 -7.65
CA TYR A 154 15.49 -0.08 -7.07
C TYR A 154 14.48 0.93 -6.62
N VAL A 155 13.19 0.62 -6.84
CA VAL A 155 12.10 1.45 -6.33
C VAL A 155 11.23 0.53 -5.49
N LEU A 156 11.21 0.79 -4.18
CA LEU A 156 10.54 -0.11 -3.23
C LEU A 156 9.37 0.58 -2.55
N GLU A 157 8.22 -0.07 -2.64
CA GLU A 157 7.11 0.26 -1.77
C GLU A 157 7.38 -0.44 -0.43
N LEU A 158 7.33 0.32 0.67
CA LEU A 158 7.63 -0.27 2.00
C LEU A 158 6.44 -0.02 2.90
N SER A 159 6.04 -1.03 3.67
CA SER A 159 4.99 -0.80 4.65
C SER A 159 5.54 -0.39 5.98
N SER A 160 4.70 0.15 6.85
CA SER A 160 5.14 0.45 8.23
C SER A 160 5.78 -0.81 8.89
N PHE A 161 5.15 -1.97 8.62
CA PHE A 161 5.62 -3.20 9.27
C PHE A 161 6.99 -3.60 8.77
N GLN A 162 7.23 -3.48 7.45
CA GLN A 162 8.58 -3.80 6.97
C GLN A 162 9.60 -2.84 7.55
N LEU A 163 9.22 -1.57 7.67
CA LEU A 163 10.16 -0.59 8.15
C LEU A 163 10.55 -0.88 9.62
N GLU A 164 9.65 -1.45 10.43
CA GLU A 164 9.95 -1.74 11.84
C GLU A 164 11.13 -2.69 12.00
N THR A 165 11.33 -3.55 11.01
CA THR A 165 12.43 -4.52 11.10
C THR A 165 13.62 -4.19 10.21
N THR A 166 13.66 -2.96 9.68
CA THR A 166 14.73 -2.53 8.79
C THR A 166 15.59 -1.47 9.47
N SER A 167 16.91 -1.66 9.41
CA SER A 167 17.81 -0.72 10.05
C SER A 167 18.88 -0.22 9.09
N SER A 168 19.08 -0.89 7.95
CA SER A 168 20.22 -0.54 7.08
C SER A 168 19.79 0.15 5.76
N LEU A 169 18.56 0.64 5.69
CA LEU A 169 18.11 1.38 4.48
C LEU A 169 18.78 2.73 4.46
N GLN A 170 19.42 3.05 3.35
CA GLN A 170 19.99 4.39 3.14
C GLN A 170 19.52 4.82 1.77
N ALA A 171 18.27 5.27 1.69
CA ALA A 171 17.61 5.51 0.41
C ALA A 171 18.19 6.73 -0.27
N VAL A 172 18.35 6.67 -1.58
CA VAL A 172 18.73 7.89 -2.32
C VAL A 172 17.62 8.96 -2.21
N ALA A 173 16.39 8.49 -2.09
CA ALA A 173 15.26 9.39 -1.90
C ALA A 173 14.18 8.59 -1.23
N ALA A 174 13.63 9.13 -0.15
CA ALA A 174 12.57 8.46 0.62
C ALA A 174 11.42 9.40 0.88
N THR A 175 10.20 8.84 0.92
CA THR A 175 9.03 9.65 1.26
C THR A 175 8.08 8.89 2.14
N ILE A 176 7.39 9.64 3.02
CA ILE A 176 6.09 9.22 3.55
C ILE A 176 5.07 10.10 2.87
N LEU A 177 4.14 9.49 2.12
CA LEU A 177 3.25 10.34 1.32
C LEU A 177 2.20 11.05 2.17
N ASN A 178 1.78 10.35 3.22
CA ASN A 178 0.70 10.85 4.12
C ASN A 178 0.65 9.86 5.29
N VAL A 179 0.02 10.27 6.40
CA VAL A 179 -0.23 9.35 7.50
C VAL A 179 -1.65 9.58 7.97
N THR A 180 -2.50 8.61 7.74
CA THR A 180 -3.84 8.66 8.29
C THR A 180 -4.14 7.35 9.00
N GLU A 181 -5.08 7.37 9.94
CA GLU A 181 -5.30 6.24 10.79
C GLU A 181 -5.43 4.95 9.99
N ASP A 182 -4.60 3.97 10.31
CA ASP A 182 -4.66 2.65 9.71
C ASP A 182 -3.96 1.66 10.65
N HIS A 183 -4.29 0.38 10.52
CA HIS A 183 -3.53 -0.67 11.24
C HIS A 183 -3.56 -0.47 12.75
N MET A 184 -4.63 0.10 13.27
CA MET A 184 -4.70 0.31 14.71
C MET A 184 -4.69 -1.00 15.48
N ASP A 185 -5.19 -2.06 14.85
CA ASP A 185 -5.13 -3.39 15.41
C ASP A 185 -3.72 -3.91 15.70
N ARG A 186 -2.71 -3.29 15.07
CA ARG A 186 -1.30 -3.68 15.18
C ARG A 186 -0.46 -2.58 15.84
N TYR A 187 -1.09 -1.50 16.30
CA TYR A 187 -0.31 -0.35 16.85
C TYR A 187 -1.05 0.13 18.11
N PRO A 188 -0.89 -0.59 19.22
CA PRO A 188 -1.61 -0.29 20.46
C PRO A 188 -1.25 1.04 21.14
N PHE A 189 -0.19 1.69 20.63
CA PHE A 189 0.07 3.08 21.04
C PHE A 189 -0.35 4.06 19.95
N GLY A 190 -1.25 3.58 19.09
CA GLY A 190 -2.11 4.46 18.29
C GLY A 190 -1.36 5.18 17.19
N LEU A 191 -1.90 6.34 16.81
CA LEU A 191 -1.45 7.03 15.59
C LEU A 191 0.04 7.40 15.63
N GLN A 192 0.54 7.83 16.79
CA GLN A 192 1.95 8.19 16.84
C GLN A 192 2.90 7.00 16.73
N GLN A 193 2.49 5.80 17.17
CA GLN A 193 3.33 4.65 17.03
C GLN A 193 3.37 4.17 15.56
N TYR A 194 2.21 4.18 14.92
CA TYR A 194 2.14 3.90 13.49
C TYR A 194 3.02 4.91 12.69
N ARG A 195 2.89 6.20 13.01
CA ARG A 195 3.71 7.22 12.36
C ARG A 195 5.20 6.92 12.59
N ALA A 196 5.54 6.56 13.82
CA ALA A 196 6.96 6.36 14.17
C ALA A 196 7.56 5.26 13.30
N ALA A 197 6.79 4.22 13.00
CA ALA A 197 7.30 3.14 12.15
C ALA A 197 7.62 3.72 10.77
N KCX A 198 6.72 4.54 10.24
CA KCX A 198 6.98 5.11 8.92
CB KCX A 198 5.73 5.78 8.33
CG KCX A 198 4.63 4.77 8.00
CD KCX A 198 3.52 5.45 7.17
CE KCX A 198 2.31 4.51 6.90
NZ KCX A 198 2.77 3.33 6.12
C KCX A 198 8.17 6.08 8.90
O KCX A 198 8.89 6.12 7.91
CX KCX A 198 1.96 2.30 5.82
OQ1 KCX A 198 2.45 1.36 5.14
OQ2 KCX A 198 0.73 2.31 6.08
N LEU A 199 8.34 6.84 9.97
CA LEU A 199 9.43 7.81 10.03
C LEU A 199 10.79 7.13 9.96
N ARG A 200 10.86 5.82 10.24
CA ARG A 200 12.10 5.08 10.02
C ARG A 200 12.64 5.19 8.59
N ILE A 201 11.76 5.49 7.62
CA ILE A 201 12.18 5.48 6.22
C ILE A 201 13.17 6.59 5.90
N TYR A 202 13.17 7.65 6.71
CA TYR A 202 14.00 8.78 6.41
C TYR A 202 15.41 8.62 6.98
N GLU A 203 15.62 7.65 7.89
CA GLU A 203 16.92 7.51 8.57
CA GLU A 203 16.93 7.55 8.56
C GLU A 203 18.00 7.23 7.54
N ASN A 204 19.05 8.07 7.50
CA ASN A 204 20.11 7.94 6.51
C ASN A 204 19.67 8.07 5.04
N ALA A 205 18.52 8.67 4.77
CA ALA A 205 18.15 8.93 3.38
C ALA A 205 18.91 10.15 2.90
N LYS A 206 19.38 10.10 1.67
CA LYS A 206 20.09 11.26 1.07
C LYS A 206 19.14 12.46 0.85
N VAL A 207 17.95 12.16 0.33
CA VAL A 207 16.94 13.20 0.16
C VAL A 207 15.67 12.66 0.83
N CYS A 208 14.99 13.51 1.61
CA CYS A 208 13.67 13.17 2.14
CA CYS A 208 13.66 13.18 2.13
C CYS A 208 12.65 14.05 1.43
N VAL A 209 11.57 13.40 1.01
CA VAL A 209 10.49 14.09 0.32
C VAL A 209 9.26 14.01 1.23
N VAL A 210 8.78 15.19 1.66
CA VAL A 210 7.66 15.25 2.59
C VAL A 210 6.45 15.91 1.96
N ASN A 211 5.28 15.65 2.57
CA ASN A 211 4.02 16.27 2.14
C ASN A 211 3.80 17.56 2.93
N ALA A 212 3.92 18.72 2.26
CA ALA A 212 3.75 19.98 2.94
C ALA A 212 2.36 20.14 3.55
N ASP A 213 1.39 19.34 3.09
CA ASP A 213 0.02 19.46 3.63
C ASP A 213 -0.26 18.44 4.72
N ASP A 214 0.73 17.63 5.06
CA ASP A 214 0.52 16.62 6.11
C ASP A 214 1.74 16.63 7.04
N ALA A 215 1.56 17.30 8.20
CA ALA A 215 2.65 17.52 9.11
C ALA A 215 3.24 16.21 9.64
N LEU A 216 2.42 15.14 9.65
CA LEU A 216 2.85 13.87 10.21
C LEU A 216 3.88 13.19 9.32
N THR A 217 4.00 13.68 8.06
CA THR A 217 5.04 13.11 7.15
C THR A 217 6.41 13.72 7.40
N MET A 218 6.50 14.69 8.29
CA MET A 218 7.77 15.37 8.46
CA MET A 218 7.75 15.47 8.53
C MET A 218 8.57 14.76 9.58
N PRO A 219 9.86 14.63 9.36
CA PRO A 219 10.60 14.05 10.50
C PRO A 219 10.40 14.88 11.76
N ILE A 220 10.53 14.22 12.91
CA ILE A 220 10.37 14.89 14.20
C ILE A 220 11.45 15.98 14.41
N ARG A 221 12.63 15.76 13.81
CA ARG A 221 13.61 16.85 13.58
C ARG A 221 14.25 16.88 12.16
N GLY A 222 14.47 18.07 11.63
CA GLY A 222 15.59 18.34 10.70
C GLY A 222 16.01 19.80 10.75
N ALA A 223 17.30 20.10 10.54
CA ALA A 223 17.86 21.44 10.80
C ALA A 223 18.30 22.30 9.58
N ASP A 224 19.61 22.40 9.34
CA ASP A 224 20.15 23.12 8.16
C ASP A 224 20.13 22.28 6.85
N GLU A 225 19.17 21.36 6.76
CA GLU A 225 19.30 20.14 5.94
C GLU A 225 17.92 19.65 5.45
N ARG A 226 17.06 20.59 5.08
CA ARG A 226 15.62 20.34 5.00
C ARG A 226 15.21 19.30 3.93
N CYS A 227 14.02 18.74 4.12
CA CYS A 227 13.43 17.87 3.12
C CYS A 227 12.91 18.69 1.94
N VAL A 228 12.85 18.05 0.77
CA VAL A 228 12.12 18.55 -0.37
C VAL A 228 10.63 18.30 -0.12
N SER A 229 9.77 19.23 -0.53
CA SER A 229 8.34 19.05 -0.26
C SER A 229 7.46 19.08 -1.51
N PHE A 230 6.33 18.38 -1.43
CA PHE A 230 5.25 18.51 -2.41
C PHE A 230 3.98 18.89 -1.70
N GLY A 231 3.09 19.58 -2.42
CA GLY A 231 1.83 20.00 -1.81
C GLY A 231 0.86 20.49 -2.84
N VAL A 232 -0.28 21.01 -2.39
CA VAL A 232 -1.27 21.51 -3.33
C VAL A 232 -1.00 22.98 -3.60
N ASN A 233 -1.10 23.82 -2.58
CA ASN A 233 -0.82 25.23 -2.80
C ASN A 233 0.57 25.66 -2.40
N MET A 234 1.27 24.78 -1.68
CA MET A 234 2.61 25.13 -1.24
C MET A 234 3.47 23.89 -1.42
N GLY A 235 4.78 24.08 -1.41
CA GLY A 235 5.73 22.98 -1.59
C GLY A 235 6.76 23.36 -2.64
N ASP A 236 7.91 22.70 -2.63
CA ASP A 236 8.83 22.82 -3.75
C ASP A 236 8.18 22.36 -5.05
N TYR A 237 7.42 21.27 -4.96
CA TYR A 237 6.63 20.71 -6.04
C TYR A 237 5.16 20.95 -5.70
N HIS A 238 4.44 21.68 -6.53
CA HIS A 238 3.08 22.04 -6.15
C HIS A 238 2.20 22.27 -7.40
N LEU A 239 0.90 22.42 -7.18
CA LEU A 239 -0.05 22.64 -8.26
C LEU A 239 -0.34 24.12 -8.49
N ASN A 240 -0.65 24.50 -9.74
CA ASN A 240 -1.03 25.86 -10.11
C ASN A 240 -2.36 25.71 -10.84
N HIS A 241 -3.43 26.29 -10.29
CA HIS A 241 -4.72 26.27 -10.96
C HIS A 241 -4.94 27.51 -11.83
N GLN A 242 -5.32 27.27 -13.08
CA GLN A 242 -5.49 28.32 -14.08
C GLN A 242 -6.86 28.13 -14.69
N GLN A 243 -7.79 29.03 -14.40
CA GLN A 243 -9.21 28.80 -14.70
C GLN A 243 -9.58 27.38 -14.25
N GLY A 244 -10.06 26.56 -15.18
CA GLY A 244 -10.36 25.15 -14.89
C GLY A 244 -9.19 24.17 -15.04
N GLU A 245 -8.01 24.70 -15.37
CA GLU A 245 -6.85 23.84 -15.69
C GLU A 245 -5.91 23.75 -14.51
N THR A 246 -5.17 22.65 -14.43
CA THR A 246 -4.18 22.46 -13.39
C THR A 246 -2.82 22.17 -14.01
N TRP A 247 -1.81 22.76 -13.38
CA TRP A 247 -0.43 22.50 -13.75
C TRP A 247 0.37 21.93 -12.60
N LEU A 248 1.30 21.05 -12.96
CA LEU A 248 2.38 20.69 -12.05
C LEU A 248 3.46 21.76 -12.16
N ARG A 249 3.87 22.26 -11.00
CA ARG A 249 4.96 23.25 -10.97
C ARG A 249 6.12 22.79 -10.09
N VAL A 250 7.31 23.24 -10.44
CA VAL A 250 8.48 23.01 -9.58
C VAL A 250 9.07 24.38 -9.28
N LYS A 251 8.96 24.81 -8.03
CA LYS A 251 9.48 26.14 -7.65
C LYS A 251 9.03 27.26 -8.57
N GLY A 252 7.73 27.33 -8.84
CA GLY A 252 7.23 28.43 -9.64
C GLY A 252 7.25 28.24 -11.14
N GLU A 253 7.93 27.18 -11.61
CA GLU A 253 8.05 26.93 -13.06
C GLU A 253 7.01 25.84 -13.45
N LYS A 254 6.17 26.15 -14.43
CA LYS A 254 5.25 25.11 -14.93
C LYS A 254 6.05 24.02 -15.63
N VAL A 255 5.76 22.77 -15.24
CA VAL A 255 6.41 21.65 -15.92
C VAL A 255 5.43 20.72 -16.65
N LEU A 256 4.16 20.73 -16.26
CA LEU A 256 3.19 19.88 -17.04
C LEU A 256 1.76 20.35 -16.81
N ASN A 257 1.00 20.48 -17.87
CA ASN A 257 -0.44 20.70 -17.79
C ASN A 257 -1.03 19.30 -17.56
N VAL A 258 -1.84 19.14 -16.53
CA VAL A 258 -2.36 17.80 -16.18
C VAL A 258 -3.29 17.20 -17.24
N LYS A 259 -3.76 18.00 -18.19
CA LYS A 259 -4.50 17.44 -19.31
C LYS A 259 -3.67 16.41 -20.09
N GLU A 260 -2.36 16.44 -19.91
CA GLU A 260 -1.49 15.49 -20.62
C GLU A 260 -1.47 14.13 -19.94
N MET A 261 -1.88 14.12 -18.68
CA MET A 261 -1.94 12.91 -17.87
C MET A 261 -3.20 12.08 -18.21
N LYS A 262 -3.08 10.77 -17.99
CA LYS A 262 -4.25 9.90 -18.07
C LYS A 262 -4.94 9.79 -16.71
N LEU A 263 -4.17 9.94 -15.64
CA LEU A 263 -4.68 10.00 -14.24
C LEU A 263 -5.42 11.35 -14.10
N SER A 264 -6.53 11.33 -13.40
CA SER A 264 -7.26 12.54 -13.05
CA SER A 264 -7.26 12.54 -13.05
C SER A 264 -7.47 12.62 -11.53
N GLY A 265 -7.83 13.81 -11.05
CA GLY A 265 -8.06 13.98 -9.63
C GLY A 265 -6.90 14.53 -8.84
N GLN A 266 -7.21 15.44 -7.93
CA GLN A 266 -6.18 16.12 -7.16
C GLN A 266 -5.19 15.16 -6.50
N HIS A 267 -5.67 14.06 -5.91
CA HIS A 267 -4.71 13.23 -5.18
C HIS A 267 -3.76 12.48 -6.12
N ASN A 268 -4.17 12.27 -7.36
CA ASN A 268 -3.24 11.74 -8.33
C ASN A 268 -2.25 12.76 -8.79
N TYR A 269 -2.68 14.03 -8.83
CA TYR A 269 -1.74 15.10 -9.16
C TYR A 269 -0.67 15.25 -8.09
N THR A 270 -1.05 15.17 -6.82
CA THR A 270 -0.03 15.23 -5.76
C THR A 270 0.82 13.94 -5.70
N ASN A 271 0.25 12.82 -6.14
CA ASN A 271 1.04 11.61 -6.34
C ASN A 271 2.06 11.81 -7.44
N ALA A 272 1.63 12.42 -8.55
CA ALA A 272 2.54 12.72 -9.64
C ALA A 272 3.67 13.63 -9.12
N LEU A 273 3.35 14.67 -8.32
CA LEU A 273 4.41 15.56 -7.78
C LEU A 273 5.42 14.81 -6.93
N ALA A 274 4.90 13.94 -6.05
CA ALA A 274 5.76 13.17 -5.19
C ALA A 274 6.68 12.25 -5.99
N ALA A 275 6.12 11.59 -7.00
CA ALA A 275 6.94 10.75 -7.89
C ALA A 275 7.99 11.57 -8.61
N LEU A 276 7.64 12.77 -9.13
CA LEU A 276 8.62 13.62 -9.80
C LEU A 276 9.72 14.09 -8.87
N ALA A 277 9.36 14.40 -7.63
CA ALA A 277 10.37 14.78 -6.65
C ALA A 277 11.35 13.64 -6.33
N LEU A 278 10.81 12.42 -6.26
CA LEU A 278 11.69 11.26 -6.00
C LEU A 278 12.58 10.96 -7.21
N ALA A 279 11.99 10.99 -8.40
CA ALA A 279 12.75 10.77 -9.63
C ALA A 279 13.85 11.80 -9.79
N ASP A 280 13.52 13.08 -9.60
CA ASP A 280 14.54 14.14 -9.69
C ASP A 280 15.69 13.83 -8.72
N ALA A 281 15.34 13.43 -7.48
CA ALA A 281 16.36 13.24 -6.44
C ALA A 281 17.23 12.03 -6.76
N ALA A 282 16.63 11.06 -7.44
CA ALA A 282 17.33 9.86 -7.87
C ALA A 282 18.19 10.10 -9.11
N GLY A 283 18.14 11.33 -9.67
CA GLY A 283 18.98 11.66 -10.81
C GLY A 283 18.42 11.31 -12.17
N LEU A 284 17.13 10.98 -12.23
CA LEU A 284 16.51 10.66 -13.51
C LEU A 284 16.22 11.96 -14.29
N PRO A 285 16.37 11.92 -15.62
CA PRO A 285 16.14 13.12 -16.43
C PRO A 285 14.67 13.57 -16.38
N ARG A 286 14.48 14.83 -16.04
CA ARG A 286 13.17 15.41 -15.90
C ARG A 286 12.24 15.09 -17.10
N ALA A 287 12.72 15.32 -18.32
CA ALA A 287 11.88 15.13 -19.51
C ALA A 287 11.30 13.72 -19.70
N SER A 288 12.08 12.68 -19.43
CA SER A 288 11.62 11.29 -19.51
C SER A 288 10.67 10.99 -18.34
N SER A 289 10.90 11.62 -17.19
CA SER A 289 9.98 11.41 -16.08
C SER A 289 8.62 11.99 -16.40
N LEU A 290 8.61 13.15 -17.05
CA LEU A 290 7.34 13.79 -17.38
C LEU A 290 6.65 12.95 -18.46
N LYS A 291 7.39 12.40 -19.41
CA LYS A 291 6.80 11.54 -20.44
C LYS A 291 6.06 10.34 -19.80
N ALA A 292 6.69 9.73 -18.82
CA ALA A 292 6.09 8.62 -18.10
C ALA A 292 4.79 9.04 -17.42
N LEU A 293 4.75 10.26 -16.87
CA LEU A 293 3.50 10.75 -16.27
C LEU A 293 2.33 10.78 -17.29
N THR A 294 2.64 11.06 -18.54
CA THR A 294 1.60 11.22 -19.56
C THR A 294 1.05 9.88 -20.02
N THR A 295 1.82 8.80 -19.83
CA THR A 295 1.48 7.49 -20.40
C THR A 295 0.89 6.57 -19.30
N PHE A 296 1.10 6.92 -18.04
CA PHE A 296 0.71 6.02 -16.95
C PHE A 296 -0.81 5.96 -16.80
N THR A 297 -1.38 4.74 -16.76
CA THR A 297 -2.84 4.66 -16.68
C THR A 297 -3.43 4.30 -15.34
N GLY A 298 -2.60 4.01 -14.36
CA GLY A 298 -3.19 3.69 -13.05
C GLY A 298 -3.12 2.19 -12.83
N LEU A 299 -3.42 1.80 -11.60
CA LEU A 299 -3.35 0.42 -11.20
C LEU A 299 -4.76 -0.20 -11.18
N PRO A 300 -4.83 -1.52 -11.32
CA PRO A 300 -6.13 -2.16 -11.13
C PRO A 300 -6.63 -1.98 -9.69
N HIS A 301 -7.94 -1.88 -9.50
CA HIS A 301 -8.55 -1.76 -8.19
C HIS A 301 -8.39 -0.39 -7.59
N ARG A 302 -7.79 0.54 -8.33
CA ARG A 302 -7.68 1.91 -7.86
CA ARG A 302 -7.68 1.96 -7.91
C ARG A 302 -8.68 2.81 -8.63
N PHE A 303 -9.83 3.03 -8.00
CA PHE A 303 -10.92 3.77 -8.63
C PHE A 303 -11.10 3.39 -10.11
N GLU A 304 -11.20 2.09 -10.36
CA GLU A 304 -11.08 1.58 -11.73
C GLU A 304 -12.49 1.38 -12.27
N VAL A 305 -12.81 2.01 -13.40
CA VAL A 305 -14.10 1.79 -14.04
C VAL A 305 -14.15 0.41 -14.70
N VAL A 306 -14.88 -0.53 -14.10
CA VAL A 306 -14.89 -1.87 -14.68
C VAL A 306 -16.04 -2.07 -15.65
N LEU A 307 -17.01 -1.16 -15.60
CA LEU A 307 -18.11 -1.17 -16.58
C LEU A 307 -18.77 0.20 -16.60
N GLU A 308 -18.96 0.75 -17.80
CA GLU A 308 -19.82 1.92 -18.02
C GLU A 308 -20.80 1.58 -19.10
N HIS A 309 -22.04 1.31 -18.69
CA HIS A 309 -23.03 0.75 -19.59
C HIS A 309 -24.41 1.15 -19.11
N ASN A 310 -25.29 1.45 -20.05
CA ASN A 310 -26.70 1.78 -19.74
C ASN A 310 -26.82 2.93 -18.75
N GLY A 311 -25.84 3.83 -18.81
CA GLY A 311 -25.86 5.06 -18.04
C GLY A 311 -25.37 4.88 -16.62
N VAL A 312 -24.71 3.75 -16.33
CA VAL A 312 -24.22 3.47 -14.96
C VAL A 312 -22.75 3.13 -14.96
N ARG A 313 -22.01 3.80 -14.08
CA ARG A 313 -20.60 3.50 -13.90
CA ARG A 313 -20.59 3.52 -13.90
CA ARG A 313 -20.60 3.51 -13.90
C ARG A 313 -20.40 2.61 -12.69
N TRP A 314 -19.69 1.51 -12.90
CA TRP A 314 -19.40 0.58 -11.82
C TRP A 314 -17.90 0.72 -11.58
N ILE A 315 -17.52 1.10 -10.35
CA ILE A 315 -16.16 1.50 -10.07
CA ILE A 315 -16.15 1.50 -10.06
C ILE A 315 -15.55 0.59 -9.00
N ASN A 316 -14.45 -0.08 -9.36
CA ASN A 316 -13.75 -0.95 -8.44
C ASN A 316 -12.63 -0.15 -7.75
N ASP A 317 -12.92 0.30 -6.51
CA ASP A 317 -11.87 0.93 -5.69
C ASP A 317 -11.54 0.01 -4.51
N SER A 318 -11.42 -1.27 -4.81
CA SER A 318 -11.14 -2.26 -3.76
C SER A 318 -9.81 -1.95 -3.04
N LYS A 319 -8.90 -1.21 -3.68
CA LYS A 319 -7.61 -0.90 -3.00
C LYS A 319 -7.87 0.02 -1.79
N ALA A 320 -9.07 0.60 -1.67
CA ALA A 320 -9.36 1.43 -0.48
C ALA A 320 -9.56 0.58 0.76
N THR A 321 -8.47 0.31 1.46
CA THR A 321 -8.51 -0.56 2.64
C THR A 321 -8.47 0.25 3.94
N ASN A 322 -8.52 1.58 3.85
CA ASN A 322 -8.62 2.43 5.05
C ASN A 322 -9.50 3.66 4.78
N VAL A 323 -9.85 4.35 5.87
CA VAL A 323 -10.76 5.46 5.80
C VAL A 323 -10.23 6.58 4.92
N GLY A 324 -8.95 6.90 5.02
CA GLY A 324 -8.35 7.96 4.20
C GLY A 324 -8.49 7.69 2.72
N SER A 325 -8.41 6.44 2.31
CA SER A 325 -8.50 6.13 0.89
C SER A 325 -9.92 6.28 0.38
N THR A 326 -10.90 5.82 1.14
CA THR A 326 -12.29 6.08 0.78
C THR A 326 -12.63 7.55 0.81
N GLU A 327 -12.08 8.32 1.76
CA GLU A 327 -12.24 9.78 1.70
C GLU A 327 -11.77 10.35 0.36
N ALA A 328 -10.62 9.89 -0.12
CA ALA A 328 -10.05 10.40 -1.38
C ALA A 328 -10.95 10.06 -2.56
N ALA A 329 -11.63 8.92 -2.51
CA ALA A 329 -12.61 8.57 -3.54
C ALA A 329 -13.87 9.46 -3.47
N LEU A 330 -14.32 9.80 -2.26
CA LEU A 330 -15.59 10.52 -2.08
C LEU A 330 -15.45 12.02 -2.20
N ASN A 331 -14.29 12.55 -1.84
CA ASN A 331 -14.15 13.99 -1.74
C ASN A 331 -14.13 14.63 -3.12
N GLY A 332 -15.16 15.45 -3.38
CA GLY A 332 -15.37 16.06 -4.71
C GLY A 332 -15.97 15.14 -5.77
N LEU A 333 -16.43 13.96 -5.36
CA LEU A 333 -17.02 12.99 -6.31
C LEU A 333 -18.26 13.55 -6.95
N HIS A 334 -18.33 13.44 -8.28
CA HIS A 334 -19.52 13.87 -8.98
C HIS A 334 -20.35 12.68 -9.42
N VAL A 335 -21.60 12.64 -8.96
CA VAL A 335 -22.59 11.63 -9.38
C VAL A 335 -23.87 12.32 -9.86
N ASP A 336 -24.38 11.91 -11.02
CA ASP A 336 -25.55 12.56 -11.60
C ASP A 336 -26.81 12.10 -10.87
N GLY A 337 -26.89 10.81 -10.58
CA GLY A 337 -28.03 10.23 -9.89
C GLY A 337 -27.71 9.82 -8.48
N THR A 338 -27.88 8.54 -8.19
CA THR A 338 -27.62 7.96 -6.86
C THR A 338 -26.25 7.28 -6.84
N LEU A 339 -25.53 7.48 -5.74
CA LEU A 339 -24.28 6.78 -5.43
C LEU A 339 -24.65 5.56 -4.58
N HIS A 340 -24.38 4.38 -5.08
CA HIS A 340 -24.54 3.16 -4.29
C HIS A 340 -23.16 2.74 -3.85
N LEU A 341 -22.89 2.96 -2.56
CA LEU A 341 -21.54 2.84 -2.02
C LEU A 341 -21.44 1.54 -1.20
N LEU A 342 -20.50 0.68 -1.60
CA LEU A 342 -20.23 -0.56 -0.86
C LEU A 342 -19.09 -0.34 0.13
N LEU A 343 -19.41 -0.59 1.40
CA LEU A 343 -18.45 -0.49 2.49
C LEU A 343 -18.45 -1.79 3.28
N GLY A 344 -17.27 -2.22 3.72
CA GLY A 344 -17.28 -3.45 4.53
C GLY A 344 -15.98 -4.23 4.56
N GLY A 345 -15.94 -5.14 5.53
CA GLY A 345 -14.74 -5.94 5.80
C GLY A 345 -14.23 -5.72 7.22
N ASP A 346 -12.93 -5.89 7.36
CA ASP A 346 -12.25 -5.73 8.64
C ASP A 346 -11.65 -4.33 8.72
N GLY A 347 -12.32 -3.48 9.49
CA GLY A 347 -11.92 -2.10 9.64
C GLY A 347 -10.71 -1.82 10.51
N LYS A 348 -10.11 -2.87 11.12
CA LYS A 348 -8.83 -2.73 11.87
C LYS A 348 -8.96 -1.67 12.96
N SER A 349 -10.12 -1.66 13.60
CA SER A 349 -10.41 -0.72 14.69
C SER A 349 -10.39 0.76 14.30
N ALA A 350 -10.54 1.07 13.02
CA ALA A 350 -10.56 2.47 12.57
C ALA A 350 -11.79 3.20 13.05
N ASP A 351 -11.63 4.50 13.29
CA ASP A 351 -12.79 5.42 13.42
C ASP A 351 -13.34 5.70 12.02
N PHE A 352 -14.55 5.22 11.73
CA PHE A 352 -15.15 5.44 10.43
C PHE A 352 -15.84 6.83 10.32
N SER A 353 -15.90 7.58 11.43
CA SER A 353 -16.60 8.86 11.50
CA SER A 353 -16.67 8.81 11.43
C SER A 353 -16.27 9.86 10.39
N PRO A 354 -14.98 9.89 9.96
CA PRO A 354 -14.64 10.92 8.96
C PRO A 354 -15.41 10.77 7.65
N LEU A 355 -15.96 9.59 7.45
CA LEU A 355 -16.69 9.32 6.20
C LEU A 355 -18.05 10.01 6.24
N ALA A 356 -18.59 10.22 7.44
CA ALA A 356 -19.99 10.64 7.56
C ALA A 356 -20.29 11.93 6.78
N ARG A 357 -19.35 12.86 6.73
CA ARG A 357 -19.58 14.17 6.10
C ARG A 357 -19.85 14.09 4.58
N TYR A 358 -19.59 12.93 3.99
CA TYR A 358 -19.74 12.74 2.53
C TYR A 358 -21.05 12.01 2.23
N LEU A 359 -21.76 11.62 3.29
CA LEU A 359 -22.87 10.73 3.12
C LEU A 359 -24.25 11.35 3.34
N ASN A 360 -24.34 12.68 3.27
CA ASN A 360 -25.62 13.42 3.42
C ASN A 360 -26.31 13.61 2.07
N GLY A 361 -27.52 14.14 2.09
CA GLY A 361 -28.31 14.32 0.87
C GLY A 361 -29.15 13.11 0.51
N ASP A 362 -29.94 13.26 -0.55
CA ASP A 362 -30.93 12.27 -0.94
C ASP A 362 -30.38 11.30 -1.98
N ASN A 363 -29.13 11.45 -2.35
CA ASN A 363 -28.56 10.73 -3.50
C ASN A 363 -27.47 9.71 -3.11
N VAL A 364 -27.55 9.21 -1.89
CA VAL A 364 -26.58 8.22 -1.39
C VAL A 364 -27.28 7.01 -0.77
N ARG A 365 -26.84 5.83 -1.17
CA ARG A 365 -27.24 4.60 -0.49
C ARG A 365 -26.01 3.80 -0.08
N LEU A 366 -26.05 3.26 1.13
CA LEU A 366 -24.92 2.47 1.62
C LEU A 366 -25.29 1.01 1.68
N TYR A 367 -24.36 0.15 1.28
CA TYR A 367 -24.54 -1.29 1.35
C TYR A 367 -23.31 -1.84 2.07
N CYS A 368 -23.53 -2.37 3.27
CA CYS A 368 -22.45 -2.55 4.27
C CYS A 368 -22.37 -4.02 4.59
N PHE A 369 -21.17 -4.59 4.52
CA PHE A 369 -21.00 -6.04 4.62
C PHE A 369 -19.74 -6.42 5.39
N GLY A 370 -19.55 -7.73 5.59
CA GLY A 370 -18.35 -8.22 6.24
C GLY A 370 -18.31 -7.95 7.74
N ARG A 371 -17.13 -8.09 8.33
CA ARG A 371 -17.02 -8.13 9.78
CA ARG A 371 -17.01 -8.14 9.79
C ARG A 371 -17.63 -6.90 10.43
N ASP A 372 -17.30 -5.73 9.89
CA ASP A 372 -17.67 -4.48 10.52
C ASP A 372 -18.84 -3.79 9.80
N GLY A 373 -19.66 -4.58 9.10
CA GLY A 373 -20.80 -4.07 8.30
C GLY A 373 -21.74 -3.23 9.16
N ALA A 374 -21.98 -3.65 10.40
CA ALA A 374 -22.95 -2.93 11.25
C ALA A 374 -22.42 -1.55 11.61
N GLN A 375 -21.13 -1.46 11.95
CA GLN A 375 -20.56 -0.18 12.35
CA GLN A 375 -20.54 -0.19 12.34
C GLN A 375 -20.65 0.77 11.17
N LEU A 376 -20.45 0.24 9.97
CA LEU A 376 -20.47 1.06 8.76
C LEU A 376 -21.89 1.54 8.48
N ALA A 377 -22.87 0.65 8.59
CA ALA A 377 -24.26 1.05 8.42
C ALA A 377 -24.66 2.15 9.40
N ALA A 378 -24.08 2.12 10.59
CA ALA A 378 -24.40 3.08 11.63
C ALA A 378 -23.98 4.53 11.29
N LEU A 379 -23.11 4.70 10.31
CA LEU A 379 -22.75 6.05 9.85
C LEU A 379 -23.98 6.84 9.43
N ARG A 380 -24.93 6.15 8.78
CA ARG A 380 -26.19 6.78 8.43
C ARG A 380 -27.28 5.73 8.19
N PRO A 381 -27.91 5.29 9.29
CA PRO A 381 -28.73 4.07 9.22
C PRO A 381 -29.91 4.19 8.24
N GLU A 382 -30.48 5.40 8.09
CA GLU A 382 -31.68 5.59 7.24
C GLU A 382 -31.48 5.31 5.75
N VAL A 383 -30.24 5.37 5.27
CA VAL A 383 -29.93 5.06 3.87
C VAL A 383 -29.04 3.82 3.75
N ALA A 384 -28.94 3.07 4.84
CA ALA A 384 -28.03 1.91 4.84
C ALA A 384 -28.77 0.57 4.80
N GLU A 385 -28.11 -0.39 4.17
CA GLU A 385 -28.50 -1.80 4.30
C GLU A 385 -27.27 -2.64 4.65
N GLN A 386 -27.47 -3.66 5.46
CA GLN A 386 -26.38 -4.54 5.86
C GLN A 386 -26.61 -5.95 5.35
N THR A 387 -25.55 -6.55 4.84
CA THR A 387 -25.60 -7.95 4.42
C THR A 387 -24.36 -8.65 4.96
N GLU A 388 -24.32 -9.98 4.85
CA GLU A 388 -23.13 -10.71 5.25
C GLU A 388 -21.99 -10.50 4.26
N THR A 389 -22.29 -10.63 2.96
CA THR A 389 -21.25 -10.63 1.98
C THR A 389 -21.42 -9.52 0.94
N MET A 390 -20.32 -9.27 0.26
CA MET A 390 -20.31 -8.29 -0.87
C MET A 390 -21.24 -8.76 -1.98
N GLU A 391 -21.27 -10.05 -2.26
CA GLU A 391 -22.16 -10.52 -3.34
C GLU A 391 -23.63 -10.26 -2.98
N GLN A 392 -23.99 -10.51 -1.73
CA GLN A 392 -25.35 -10.21 -1.30
C GLN A 392 -25.65 -8.73 -1.47
N ALA A 393 -24.69 -7.89 -1.10
CA ALA A 393 -24.91 -6.44 -1.20
C ALA A 393 -25.10 -6.03 -2.65
N MET A 394 -24.33 -6.63 -3.56
CA MET A 394 -24.43 -6.32 -4.98
CA MET A 394 -24.45 -6.30 -4.96
C MET A 394 -25.78 -6.73 -5.53
N ARG A 395 -26.23 -7.93 -5.16
CA ARG A 395 -27.51 -8.40 -5.67
C ARG A 395 -28.68 -7.62 -5.09
N LEU A 396 -28.47 -7.00 -3.91
CA LEU A 396 -29.50 -6.21 -3.26
C LEU A 396 -29.58 -4.84 -3.98
N LEU A 397 -28.43 -4.25 -4.32
CA LEU A 397 -28.44 -2.90 -4.89
C LEU A 397 -28.80 -2.91 -6.38
N ALA A 398 -28.40 -3.96 -7.08
CA ALA A 398 -28.48 -3.90 -8.54
C ALA A 398 -29.89 -3.56 -9.08
N PRO A 399 -30.97 -4.22 -8.56
CA PRO A 399 -32.29 -3.84 -9.10
C PRO A 399 -32.69 -2.36 -8.93
N ARG A 400 -32.04 -1.67 -7.99
CA ARG A 400 -32.35 -0.28 -7.69
C ARG A 400 -31.55 0.70 -8.55
N VAL A 401 -30.59 0.20 -9.33
CA VAL A 401 -29.69 1.10 -10.08
C VAL A 401 -30.42 1.70 -11.28
N GLN A 402 -30.36 3.03 -11.43
CA GLN A 402 -31.00 3.75 -12.52
C GLN A 402 -29.93 4.43 -13.37
N PRO A 403 -30.26 4.71 -14.65
CA PRO A 403 -29.35 5.52 -15.45
C PRO A 403 -28.95 6.83 -14.74
N GLY A 404 -27.64 7.11 -14.75
CA GLY A 404 -27.11 8.28 -14.03
C GLY A 404 -26.44 7.90 -12.73
N ASP A 405 -26.65 6.68 -12.27
CA ASP A 405 -26.13 6.28 -10.96
C ASP A 405 -24.67 5.88 -11.07
N MET A 406 -24.03 5.69 -9.91
CA MET A 406 -22.68 5.11 -9.80
C MET A 406 -22.76 4.04 -8.75
N VAL A 407 -22.08 2.92 -9.03
CA VAL A 407 -21.90 1.87 -8.02
C VAL A 407 -20.42 1.84 -7.70
N LEU A 408 -20.07 2.15 -6.45
CA LEU A 408 -18.68 2.34 -6.05
C LEU A 408 -18.32 1.36 -4.93
N LEU A 409 -17.37 0.44 -5.21
CA LEU A 409 -16.81 -0.38 -4.15
C LEU A 409 -15.58 0.36 -3.63
N SER A 410 -15.71 0.98 -2.46
CA SER A 410 -14.57 1.67 -1.88
C SER A 410 -14.62 1.46 -0.36
N PRO A 411 -14.17 0.28 0.09
CA PRO A 411 -14.81 -0.32 1.27
C PRO A 411 -14.27 0.14 2.61
N ALA A 412 -13.16 0.91 2.61
CA ALA A 412 -12.57 1.53 3.80
C ALA A 412 -11.96 0.55 4.80
N CYS A 413 -11.79 -0.72 4.37
CA CYS A 413 -11.53 -1.85 5.28
C CYS A 413 -10.65 -2.86 4.59
N ALA A 414 -9.86 -3.62 5.37
CA ALA A 414 -9.23 -4.81 4.80
C ALA A 414 -10.28 -5.83 4.35
N SER A 415 -9.89 -6.64 3.38
CA SER A 415 -10.74 -7.68 2.81
C SER A 415 -10.55 -9.04 3.47
N LEU A 416 -9.65 -9.10 4.44
CA LEU A 416 -9.06 -10.37 4.84
C LEU A 416 -9.99 -11.27 5.67
N ASP A 417 -11.07 -10.69 6.18
CA ASP A 417 -12.10 -11.49 6.85
C ASP A 417 -12.84 -12.45 5.90
N GLN A 418 -12.91 -12.08 4.62
CA GLN A 418 -13.73 -12.82 3.63
C GLN A 418 -13.01 -13.18 2.32
N PHE A 419 -11.85 -12.56 2.10
CA PHE A 419 -11.11 -12.70 0.82
C PHE A 419 -9.65 -12.97 1.07
N LYS A 420 -8.97 -13.49 0.06
CA LYS A 420 -7.51 -13.62 0.14
C LYS A 420 -6.81 -12.25 0.24
N ASN A 421 -7.34 -11.26 -0.47
CA ASN A 421 -6.69 -9.94 -0.56
C ASN A 421 -7.61 -9.04 -1.34
N PHE A 422 -7.28 -7.75 -1.40
CA PHE A 422 -8.21 -6.80 -1.96
C PHE A 422 -8.31 -7.00 -3.46
N GLU A 423 -7.31 -7.61 -4.07
CA GLU A 423 -7.41 -7.92 -5.51
C GLU A 423 -8.54 -8.91 -5.76
N GLN A 424 -8.61 -9.94 -4.93
CA GLN A 424 -9.69 -10.93 -5.08
C GLN A 424 -11.05 -10.26 -4.92
N ARG A 425 -11.16 -9.39 -3.90
CA ARG A 425 -12.38 -8.63 -3.68
C ARG A 425 -12.75 -7.76 -4.87
N GLY A 426 -11.77 -7.08 -5.45
CA GLY A 426 -12.00 -6.31 -6.69
C GLY A 426 -12.39 -7.16 -7.90
N ASN A 427 -11.73 -8.29 -8.06
CA ASN A 427 -12.05 -9.16 -9.21
C ASN A 427 -13.47 -9.70 -9.09
N GLU A 428 -13.87 -10.07 -7.88
CA GLU A 428 -15.24 -10.54 -7.65
CA GLU A 428 -15.24 -10.54 -7.65
C GLU A 428 -16.28 -9.44 -7.91
N PHE A 429 -15.98 -8.23 -7.47
CA PHE A 429 -16.83 -7.05 -7.73
C PHE A 429 -16.97 -6.85 -9.23
N ALA A 430 -15.86 -7.00 -9.95
CA ALA A 430 -15.90 -6.78 -11.41
C ALA A 430 -16.76 -7.79 -12.13
N ARG A 431 -16.61 -9.06 -11.74
CA ARG A 431 -17.40 -10.13 -12.32
CA ARG A 431 -17.39 -10.16 -12.27
C ARG A 431 -18.89 -9.88 -12.06
N LEU A 432 -19.22 -9.50 -10.83
CA LEU A 432 -20.63 -9.27 -10.46
C LEU A 432 -21.18 -8.01 -11.14
N ALA A 433 -20.34 -6.97 -11.29
CA ALA A 433 -20.77 -5.77 -12.02
C ALA A 433 -21.10 -6.13 -13.45
N LYS A 434 -20.32 -7.01 -14.07
CA LYS A 434 -20.57 -7.32 -15.46
C LYS A 434 -21.82 -8.18 -15.59
N GLU A 435 -22.05 -9.03 -14.61
CA GLU A 435 -23.27 -9.83 -14.62
C GLU A 435 -24.49 -8.92 -14.45
N LEU A 436 -24.44 -8.06 -13.45
CA LEU A 436 -25.65 -7.34 -13.02
C LEU A 436 -25.89 -6.05 -13.80
N GLY A 437 -24.89 -5.61 -14.55
CA GLY A 437 -24.94 -4.28 -15.14
C GLY A 437 -25.22 -4.30 -16.62
N SER A 438 -25.62 -5.46 -17.15
CA SER A 438 -26.19 -5.54 -18.50
C SER A 438 -27.39 -6.46 -18.56
N HIS A 439 -28.13 -6.38 -19.66
CA HIS A 439 -29.28 -7.25 -19.85
C HIS A 439 -28.87 -8.58 -20.50
OE1 VSV B . -5.64 -7.06 0.91
CD VSV B . -6.38 -6.56 1.82
OE2 VSV B . -7.63 -6.47 1.74
CG VSV B . -5.89 -6.15 3.14
CB VSV B . -4.41 -6.03 3.13
C VSV B . -4.22 -4.17 4.86
OXT VSV B . -3.46 -3.24 4.55
O VSV B . -5.20 -3.95 5.62
N VSV B . -2.58 -5.94 4.64
CAU VSV B . -1.98 -6.02 5.94
OBC VSV B . -2.51 -5.56 6.95
CAT VSV B . -0.63 -6.61 5.88
CAQ VSV B . -0.35 -7.59 4.90
CAS VSV B . 0.32 -6.26 6.84
CAR VSV B . 1.55 -6.89 6.83
CAP VSV B . 1.85 -7.82 5.89
CAO VSV B . 0.92 -8.20 4.92
CAN VSV B . 1.37 -9.16 3.84
NAY VSV B . 2.15 -10.21 4.29
CAA VSV B . 1.70 -11.15 5.17
CAC VSV B . 0.39 -11.12 5.71
CAE VSV B . -0.02 -12.00 6.69
CAB VSV B . 2.57 -12.16 5.60
CAG VSV B . 2.16 -13.07 6.58
CAF VSV B . 0.89 -12.98 7.14
CAH VSV B . 0.40 -13.89 8.24
CAI VSV B . 1.08 -14.72 9.10
SBG VSV B . 2.80 -15.05 9.13
CAL VSV B . 2.58 -16.14 10.47
NAX VSV B . 1.30 -16.22 11.02
CA VSV B . -4.00 -5.66 4.57
CAK VSV B . 0.48 -15.40 10.23
OBE VSV B . -0.73 -15.35 10.40
OBH VSV B . 3.50 -16.73 11.01
N1 AZI C . -10.43 -16.16 2.08
N2 AZI C . -10.82 -15.90 3.16
N3 AZI C . -11.16 -15.52 4.23
S SO4 D . -2.32 3.28 -3.88
O1 SO4 D . -1.38 2.41 -3.18
O2 SO4 D . -3.14 4.11 -2.98
O3 SO4 D . -1.41 4.17 -4.58
O4 SO4 D . -3.14 2.72 -4.92
S SO4 E . -27.65 -4.51 -23.05
O1 SO4 E . -27.55 -3.94 -21.70
O2 SO4 E . -28.98 -4.16 -23.56
O3 SO4 E . -26.57 -4.02 -23.92
O4 SO4 E . -27.50 -5.97 -22.87
S SO3 F . 3.68 -12.53 0.68
O1 SO3 F . 4.63 -13.62 0.60
O2 SO3 F . 3.46 -11.81 -0.55
O3 SO3 F . 2.61 -12.85 1.64
CL CL G . -23.90 1.54 -22.99
CL CL H . -4.94 -21.24 10.54
CL CL I . 9.40 23.56 -17.59
CL CL J . -26.07 15.51 -3.15
#